data_8YHK
#
_entry.id   8YHK
#
_cell.length_a   146.274
_cell.length_b   146.274
_cell.length_c   43.680
_cell.angle_alpha   90.000
_cell.angle_beta   90.000
_cell.angle_gamma   90.000
#
_symmetry.space_group_name_H-M   'P 43 21 2'
#
loop_
_entity.id
_entity.type
_entity.pdbx_description
1 polymer 'Serine/threonine-protein kinase PAK 4'
2 non-polymer 'TRIETHYLENE GLYCOL'
3 water water
#
_entity_poly.entity_id   1
_entity_poly.type   'polypeptide(L)'
_entity_poly.pdbx_seq_one_letter_code
;SPQREPQRVSHEQFRAALQLVVDPGDPRSYLDNFIKIGEGSTGIVCIATVRSSGKLVAVKKMDLRKQQRRELLFNEVVIM
RDYQHENVVEMYNSYLVGDELWVVMEFLEGGALTDIVTHTRMNEEQIAAVCLAVLQALSVLHAQGVIHRDIKSDSILLTH
DGRVKLSDFGFCAQVSKEVPRRKSLVGTPYWMAPELISRLPYGPEVDIWSLGIMVIEMVDGEPPYFNEPPLKAMKMIRDN
LPPRLKNLHKVSPSLKGFLDRLLVRDPAQRATAAELLKHPFLAKAGPPASIVPLMRQNRTR
;
_entity_poly.pdbx_strand_id   A
#
# COMPACT_ATOMS: atom_id res chain seq x y z
N ARG A 8 -27.44 -9.41 10.51
CA ARG A 8 -27.17 -10.12 11.79
C ARG A 8 -26.12 -11.21 11.57
N VAL A 9 -24.87 -10.82 11.34
CA VAL A 9 -23.70 -11.74 11.20
C VAL A 9 -23.00 -11.83 12.58
N SER A 10 -23.22 -12.91 13.31
CA SER A 10 -22.63 -13.16 14.66
C SER A 10 -21.11 -13.29 14.53
N HIS A 11 -20.38 -12.82 15.55
CA HIS A 11 -18.90 -12.96 15.69
C HIS A 11 -18.50 -14.40 15.38
N GLU A 12 -19.31 -15.37 15.82
CA GLU A 12 -19.07 -16.83 15.65
C GLU A 12 -19.18 -17.20 14.17
N GLN A 13 -20.31 -16.86 13.54
CA GLN A 13 -20.59 -17.12 12.10
C GLN A 13 -19.42 -16.60 11.25
N PHE A 14 -18.88 -15.44 11.62
CA PHE A 14 -17.71 -14.82 10.93
C PHE A 14 -16.48 -15.73 11.10
N ARG A 15 -16.12 -16.05 12.34
CA ARG A 15 -14.93 -16.89 12.68
C ARG A 15 -14.94 -18.16 11.83
N ALA A 16 -16.11 -18.81 11.74
CA ALA A 16 -16.33 -20.06 10.95
C ALA A 16 -16.02 -19.80 9.47
N ALA A 17 -16.37 -18.62 8.95
CA ALA A 17 -16.11 -18.21 7.54
C ALA A 17 -14.60 -18.19 7.28
N LEU A 18 -13.83 -17.69 8.24
CA LEU A 18 -12.34 -17.62 8.17
C LEU A 18 -11.76 -19.02 8.45
N GLN A 19 -12.32 -19.74 9.41
CA GLN A 19 -11.89 -21.10 9.84
C GLN A 19 -11.52 -21.94 8.61
N LEU A 20 -12.19 -21.73 7.47
CA LEU A 20 -12.04 -22.54 6.23
C LEU A 20 -10.91 -21.99 5.35
N VAL A 21 -10.85 -20.68 5.15
CA VAL A 21 -9.92 -20.01 4.20
C VAL A 21 -8.50 -19.98 4.78
N VAL A 22 -8.35 -20.06 6.11
CA VAL A 22 -7.06 -19.95 6.83
C VAL A 22 -6.42 -21.34 7.01
N ASP A 23 -5.15 -21.37 7.39
CA ASP A 23 -4.41 -22.59 7.80
C ASP A 23 -4.82 -22.93 9.24
N PRO A 24 -5.42 -24.11 9.50
CA PRO A 24 -5.88 -24.45 10.84
C PRO A 24 -4.71 -24.78 11.78
N GLY A 25 -4.90 -24.57 13.08
CA GLY A 25 -3.93 -24.90 14.14
C GLY A 25 -3.42 -23.67 14.87
N ASP A 26 -2.44 -23.86 15.76
CA ASP A 26 -1.87 -22.82 16.65
C ASP A 26 -0.43 -22.53 16.21
N PRO A 27 -0.15 -21.36 15.60
CA PRO A 27 1.18 -21.06 15.08
C PRO A 27 2.24 -20.75 16.16
N ARG A 28 1.81 -20.57 17.41
CA ARG A 28 2.70 -20.38 18.59
C ARG A 28 3.56 -21.63 18.81
N SER A 29 3.23 -22.73 18.13
CA SER A 29 3.91 -24.05 18.23
C SER A 29 5.31 -24.00 17.60
N TYR A 30 5.48 -23.28 16.48
CA TYR A 30 6.73 -23.25 15.66
C TYR A 30 7.31 -21.83 15.56
N LEU A 31 6.78 -20.87 16.33
CA LEU A 31 7.23 -19.45 16.38
C LEU A 31 7.41 -19.03 17.85
N ASP A 32 8.48 -18.27 18.15
CA ASP A 32 8.93 -18.01 19.56
C ASP A 32 9.20 -16.52 19.82
N ASN A 33 10.04 -15.86 19.02
CA ASN A 33 10.63 -14.52 19.33
C ASN A 33 9.66 -13.40 18.90
N PHE A 34 8.56 -13.24 19.63
CA PHE A 34 7.49 -12.24 19.37
C PHE A 34 7.86 -10.89 19.99
N ILE A 35 8.14 -9.89 19.15
CA ILE A 35 8.42 -8.47 19.54
C ILE A 35 7.77 -7.52 18.53
N LYS A 36 7.04 -6.52 19.00
CA LYS A 36 6.25 -5.56 18.18
C LYS A 36 7.21 -4.63 17.43
N ILE A 37 7.02 -4.47 16.11
CA ILE A 37 7.88 -3.61 15.23
C ILE A 37 7.15 -2.30 14.90
N GLY A 38 5.84 -2.38 14.65
CA GLY A 38 4.98 -1.23 14.28
C GLY A 38 3.52 -1.51 14.56
N GLU A 39 2.63 -0.65 14.05
CA GLU A 39 1.17 -0.71 14.30
C GLU A 39 0.43 0.00 13.17
N GLY A 40 -0.34 -0.77 12.38
CA GLY A 40 -1.30 -0.26 11.39
C GLY A 40 -2.66 0.00 12.04
N SER A 41 -3.63 0.51 11.26
CA SER A 41 -5.01 0.79 11.72
C SER A 41 -5.73 -0.52 12.07
N THR A 42 -5.39 -1.61 11.36
CA THR A 42 -6.05 -2.95 11.45
C THR A 42 -5.54 -3.71 12.68
N GLY A 43 -4.24 -3.58 13.02
CA GLY A 43 -3.64 -4.25 14.19
C GLY A 43 -2.16 -3.95 14.35
N ILE A 44 -1.39 -4.94 14.83
CA ILE A 44 0.08 -4.84 15.11
C ILE A 44 0.84 -5.74 14.12
N VAL A 45 2.10 -5.42 13.82
CA VAL A 45 2.95 -6.15 12.83
C VAL A 45 4.12 -6.81 13.57
N CYS A 46 3.89 -7.27 14.80
CA CYS A 46 4.84 -8.04 15.64
C CYS A 46 5.64 -9.04 14.77
N ILE A 47 6.98 -9.01 14.86
CA ILE A 47 7.92 -9.91 14.12
C ILE A 47 8.30 -11.09 15.03
N ALA A 48 8.41 -12.29 14.45
CA ALA A 48 8.70 -13.55 15.15
C ALA A 48 9.86 -14.30 14.48
N THR A 49 10.36 -15.34 15.13
CA THR A 49 11.44 -16.24 14.65
C THR A 49 10.88 -17.67 14.56
N VAL A 50 11.23 -18.41 13.50
CA VAL A 50 10.84 -19.84 13.30
C VAL A 50 11.80 -20.71 14.11
N ARG A 51 11.34 -21.87 14.59
CA ARG A 51 12.16 -22.81 15.39
C ARG A 51 13.02 -23.65 14.44
N SER A 52 12.39 -24.37 13.52
CA SER A 52 13.03 -25.33 12.58
C SER A 52 14.09 -24.62 11.72
N SER A 53 13.67 -23.69 10.85
CA SER A 53 14.55 -22.95 9.90
C SER A 53 15.45 -21.96 10.66
N GLY A 54 14.93 -21.35 11.73
CA GLY A 54 15.63 -20.30 12.50
C GLY A 54 15.64 -18.96 11.77
N LYS A 55 14.62 -18.70 10.97
CA LYS A 55 14.51 -17.53 10.04
C LYS A 55 13.53 -16.51 10.62
N LEU A 56 13.65 -15.24 10.21
CA LEU A 56 12.85 -14.09 10.72
C LEU A 56 11.66 -13.85 9.79
N VAL A 57 10.45 -13.81 10.35
CA VAL A 57 9.16 -13.62 9.60
C VAL A 57 8.27 -12.63 10.37
N ALA A 58 7.47 -11.83 9.64
CA ALA A 58 6.53 -10.84 10.19
C ALA A 58 5.16 -11.50 10.38
N VAL A 59 4.49 -11.24 11.52
CA VAL A 59 3.20 -11.87 11.93
C VAL A 59 2.19 -10.77 12.26
N LYS A 60 1.37 -10.39 11.28
CA LYS A 60 0.30 -9.36 11.41
C LYS A 60 -0.87 -9.95 12.20
N LYS A 61 -1.03 -9.56 13.47
CA LYS A 61 -2.20 -9.93 14.33
C LYS A 61 -3.27 -8.84 14.21
N MET A 62 -4.52 -9.23 13.92
CA MET A 62 -5.66 -8.31 13.74
C MET A 62 -6.89 -8.87 14.47
N ASP A 63 -7.44 -8.13 15.43
CA ASP A 63 -8.61 -8.54 16.25
C ASP A 63 -9.86 -8.47 15.36
N LEU A 64 -10.70 -9.51 15.43
CA LEU A 64 -11.94 -9.66 14.61
C LEU A 64 -13.04 -8.77 15.19
N ARG A 65 -13.15 -8.72 16.53
CA ARG A 65 -14.17 -7.93 17.26
C ARG A 65 -13.90 -6.44 17.07
N LYS A 66 -12.65 -6.01 17.32
CA LYS A 66 -12.20 -4.60 17.21
C LYS A 66 -11.90 -4.27 15.74
N GLN A 67 -12.94 -4.08 14.93
CA GLN A 67 -12.81 -3.69 13.49
C GLN A 67 -14.00 -2.82 13.10
N GLN A 68 -13.74 -1.79 12.29
CA GLN A 68 -14.78 -0.89 11.73
C GLN A 68 -15.51 -1.61 10.60
N ARG A 69 -14.76 -2.11 9.63
CA ARG A 69 -15.25 -2.95 8.50
C ARG A 69 -14.60 -4.33 8.62
N ARG A 70 -15.30 -5.27 9.25
CA ARG A 70 -14.76 -6.60 9.66
C ARG A 70 -14.53 -7.49 8.43
N GLU A 71 -15.43 -7.43 7.44
CA GLU A 71 -15.42 -8.30 6.24
C GLU A 71 -14.24 -7.96 5.32
N LEU A 72 -13.45 -6.95 5.64
CA LEU A 72 -12.23 -6.57 4.87
C LEU A 72 -11.06 -7.51 5.22
N LEU A 73 -11.08 -8.14 6.40
CA LEU A 73 -9.99 -9.02 6.90
C LEU A 73 -9.62 -10.06 5.84
N PHE A 74 -10.62 -10.51 5.07
CA PHE A 74 -10.47 -11.47 3.93
C PHE A 74 -9.47 -10.92 2.90
N ASN A 75 -9.59 -9.64 2.52
CA ASN A 75 -8.72 -8.98 1.51
C ASN A 75 -7.28 -9.47 1.69
N GLU A 76 -6.69 -9.25 2.87
CA GLU A 76 -5.38 -9.82 3.27
C GLU A 76 -5.52 -11.34 3.30
N VAL A 77 -4.53 -12.05 2.76
CA VAL A 77 -4.48 -13.53 2.55
C VAL A 77 -5.12 -13.86 1.18
N VAL A 78 -6.31 -13.34 0.89
CA VAL A 78 -7.08 -13.63 -0.36
C VAL A 78 -6.35 -13.00 -1.56
N ILE A 79 -5.57 -11.94 -1.33
CA ILE A 79 -4.77 -11.24 -2.37
C ILE A 79 -3.31 -11.67 -2.27
N MET A 80 -2.79 -11.87 -1.06
CA MET A 80 -1.40 -12.37 -0.83
C MET A 80 -1.21 -13.69 -1.57
N ARG A 81 -2.28 -14.49 -1.67
CA ARG A 81 -2.38 -15.70 -2.53
C ARG A 81 -3.31 -15.38 -3.71
N ASP A 82 -3.19 -16.12 -4.81
CA ASP A 82 -3.97 -15.95 -6.08
C ASP A 82 -3.47 -14.70 -6.82
N TYR A 83 -2.90 -13.72 -6.09
CA TYR A 83 -2.27 -12.49 -6.64
C TYR A 83 -0.85 -12.36 -6.08
N GLN A 84 0.01 -13.32 -6.43
CA GLN A 84 1.47 -13.33 -6.09
C GLN A 84 2.23 -12.63 -7.22
N HIS A 85 3.32 -11.94 -6.88
CA HIS A 85 4.14 -11.11 -7.81
C HIS A 85 5.46 -10.74 -7.14
N GLU A 86 6.44 -10.25 -7.90
CA GLU A 86 7.80 -9.89 -7.42
C GLU A 86 7.73 -8.60 -6.59
N ASN A 87 6.81 -7.69 -6.95
CA ASN A 87 6.62 -6.37 -6.29
C ASN A 87 5.44 -6.43 -5.32
N VAL A 88 5.01 -7.64 -4.94
CA VAL A 88 3.98 -7.90 -3.89
C VAL A 88 4.63 -8.77 -2.80
N VAL A 89 4.25 -8.54 -1.54
CA VAL A 89 4.80 -9.27 -0.36
C VAL A 89 4.37 -10.74 -0.48
N GLU A 90 5.24 -11.66 -0.02
CA GLU A 90 4.97 -13.12 0.02
C GLU A 90 4.44 -13.47 1.41
N MET A 91 3.27 -14.14 1.47
CA MET A 91 2.68 -14.73 2.71
C MET A 91 3.03 -16.22 2.74
N TYR A 92 3.59 -16.69 3.85
CA TYR A 92 3.96 -18.10 4.08
C TYR A 92 2.71 -18.88 4.52
N ASN A 93 2.05 -18.40 5.59
CA ASN A 93 0.84 -19.03 6.18
C ASN A 93 -0.11 -17.94 6.69
N SER A 94 -1.28 -18.35 7.16
CA SER A 94 -2.28 -17.50 7.87
C SER A 94 -3.14 -18.39 8.78
N TYR A 95 -3.06 -18.17 10.10
CA TYR A 95 -3.78 -18.98 11.12
C TYR A 95 -4.84 -18.10 11.81
N LEU A 96 -5.62 -18.70 12.69
CA LEU A 96 -6.65 -18.03 13.52
C LEU A 96 -6.42 -18.41 14.99
N VAL A 97 -6.27 -17.41 15.86
CA VAL A 97 -5.91 -17.57 17.30
C VAL A 97 -6.85 -16.71 18.14
N GLY A 98 -7.39 -17.28 19.23
CA GLY A 98 -8.34 -16.61 20.15
C GLY A 98 -9.39 -15.82 19.38
N ASP A 99 -9.28 -14.49 19.40
CA ASP A 99 -10.15 -13.55 18.66
C ASP A 99 -9.30 -12.68 17.73
N GLU A 100 -8.20 -13.23 17.20
CA GLU A 100 -7.20 -12.50 16.38
C GLU A 100 -6.93 -13.29 15.08
N LEU A 101 -6.67 -12.59 13.98
CA LEU A 101 -6.22 -13.16 12.69
C LEU A 101 -4.72 -12.92 12.54
N TRP A 102 -3.91 -13.98 12.47
CA TRP A 102 -2.43 -13.93 12.41
C TRP A 102 -1.96 -14.34 11.01
N VAL A 103 -1.38 -13.40 10.26
CA VAL A 103 -0.86 -13.63 8.88
C VAL A 103 0.68 -13.59 8.94
N VAL A 104 1.31 -14.77 8.82
CA VAL A 104 2.79 -14.95 8.82
C VAL A 104 3.33 -14.62 7.43
N MET A 105 4.15 -13.57 7.32
CA MET A 105 4.64 -13.00 6.04
C MET A 105 6.16 -12.95 6.04
N GLU A 106 6.73 -12.79 4.83
CA GLU A 106 8.15 -12.43 4.58
C GLU A 106 8.52 -11.22 5.45
N PHE A 107 9.71 -11.23 6.04
CA PHE A 107 10.32 -10.05 6.70
C PHE A 107 11.08 -9.23 5.63
N LEU A 108 10.71 -7.96 5.48
CA LEU A 108 11.32 -7.01 4.52
C LEU A 108 12.34 -6.13 5.26
N GLU A 109 13.63 -6.31 4.94
CA GLU A 109 14.79 -5.74 5.68
C GLU A 109 14.84 -4.23 5.48
N GLY A 110 14.51 -3.75 4.27
CA GLY A 110 14.56 -2.33 3.88
C GLY A 110 13.63 -1.47 4.73
N GLY A 111 12.56 -2.05 5.26
CA GLY A 111 11.57 -1.36 6.11
C GLY A 111 10.52 -0.64 5.27
N ALA A 112 9.91 0.42 5.81
CA ALA A 112 8.86 1.22 5.14
C ALA A 112 9.50 2.34 4.33
N LEU A 113 8.74 2.92 3.39
CA LEU A 113 9.17 4.08 2.56
C LEU A 113 8.94 5.37 3.35
N THR A 114 7.90 5.40 4.21
CA THR A 114 7.58 6.51 5.15
C THR A 114 8.86 7.08 5.76
N ASP A 115 9.75 6.19 6.21
CA ASP A 115 11.03 6.54 6.88
C ASP A 115 11.93 7.32 5.90
N ILE A 116 12.08 6.84 4.67
CA ILE A 116 13.06 7.39 3.66
C ILE A 116 12.62 8.80 3.25
N VAL A 117 11.35 8.98 2.88
CA VAL A 117 10.81 10.23 2.28
C VAL A 117 10.85 11.36 3.33
N THR A 118 10.56 11.04 4.60
CA THR A 118 10.44 12.02 5.71
C THR A 118 11.83 12.54 6.11
N HIS A 119 12.81 11.64 6.28
CA HIS A 119 14.16 11.94 6.83
C HIS A 119 15.12 12.39 5.73
N THR A 120 15.02 11.82 4.52
CA THR A 120 15.93 12.11 3.38
C THR A 120 15.12 12.64 2.19
N ARG A 121 15.82 13.18 1.18
CA ARG A 121 15.25 13.64 -0.11
C ARG A 121 15.73 12.69 -1.21
N MET A 122 14.81 11.96 -1.84
CA MET A 122 15.10 11.03 -2.95
C MET A 122 15.31 11.85 -4.24
N ASN A 123 16.31 11.49 -5.04
CA ASN A 123 16.52 12.04 -6.40
C ASN A 123 15.56 11.34 -7.36
N GLU A 124 15.44 11.85 -8.59
CA GLU A 124 14.41 11.44 -9.59
C GLU A 124 14.56 9.96 -9.95
N GLU A 125 15.81 9.50 -10.12
CA GLU A 125 16.15 8.12 -10.57
C GLU A 125 15.65 7.10 -9.53
N GLN A 126 15.65 7.47 -8.25
CA GLN A 126 15.16 6.64 -7.13
C GLN A 126 13.64 6.68 -7.09
N ILE A 127 13.05 7.88 -7.22
CA ILE A 127 11.58 8.12 -7.24
C ILE A 127 10.95 7.32 -8.38
N ALA A 128 11.55 7.37 -9.58
CA ALA A 128 11.07 6.69 -10.80
C ALA A 128 11.04 5.17 -10.60
N ALA A 129 12.05 4.62 -9.93
CA ALA A 129 12.18 3.17 -9.64
C ALA A 129 11.00 2.70 -8.80
N VAL A 130 10.58 3.50 -7.81
CA VAL A 130 9.48 3.17 -6.86
C VAL A 130 8.15 3.16 -7.63
N CYS A 131 7.86 4.24 -8.36
CA CYS A 131 6.62 4.41 -9.19
C CYS A 131 6.49 3.23 -10.16
N LEU A 132 7.58 2.90 -10.85
CA LEU A 132 7.66 1.78 -11.84
C LEU A 132 7.17 0.48 -11.18
N ALA A 133 7.81 0.08 -10.07
CA ALA A 133 7.56 -1.18 -9.34
C ALA A 133 6.08 -1.26 -8.92
N VAL A 134 5.52 -0.15 -8.42
CA VAL A 134 4.10 -0.06 -7.96
C VAL A 134 3.18 -0.31 -9.16
N LEU A 135 3.41 0.41 -10.26
CA LEU A 135 2.61 0.32 -11.52
C LEU A 135 2.65 -1.11 -12.08
N GLN A 136 3.82 -1.75 -12.05
CA GLN A 136 4.04 -3.16 -12.48
C GLN A 136 3.18 -4.09 -11.62
N ALA A 137 3.03 -3.79 -10.33
CA ALA A 137 2.17 -4.54 -9.38
C ALA A 137 0.70 -4.21 -9.66
N LEU A 138 0.37 -2.93 -9.78
CA LEU A 138 -1.02 -2.43 -9.99
C LEU A 138 -1.55 -2.95 -11.33
N SER A 139 -0.77 -2.80 -12.41
CA SER A 139 -1.13 -3.23 -13.79
C SER A 139 -1.64 -4.68 -13.79
N VAL A 140 -1.05 -5.54 -12.95
CA VAL A 140 -1.44 -6.98 -12.78
C VAL A 140 -2.74 -7.05 -11.98
N LEU A 141 -2.85 -6.29 -10.89
CA LEU A 141 -4.04 -6.23 -10.00
C LEU A 141 -5.24 -5.67 -10.78
N HIS A 142 -5.08 -4.49 -11.37
CA HIS A 142 -6.12 -3.76 -12.16
C HIS A 142 -6.62 -4.66 -13.31
N ALA A 143 -5.70 -5.34 -14.00
CA ALA A 143 -5.99 -6.26 -15.13
C ALA A 143 -6.89 -7.41 -14.65
N GLN A 144 -6.66 -7.92 -13.44
CA GLN A 144 -7.46 -9.01 -12.83
C GLN A 144 -8.63 -8.41 -12.04
N GLY A 145 -8.71 -7.09 -11.95
CA GLY A 145 -9.86 -6.34 -11.40
C GLY A 145 -9.75 -6.17 -9.90
N VAL A 146 -8.62 -5.63 -9.42
CA VAL A 146 -8.35 -5.35 -7.98
C VAL A 146 -8.03 -3.86 -7.83
N ILE A 147 -8.60 -3.23 -6.79
CA ILE A 147 -8.39 -1.79 -6.45
C ILE A 147 -7.81 -1.73 -5.04
N HIS A 148 -6.48 -1.53 -4.92
CA HIS A 148 -5.78 -1.29 -3.64
C HIS A 148 -6.03 0.16 -3.20
N ARG A 149 -7.05 0.39 -2.37
CA ARG A 149 -7.66 1.71 -2.14
C ARG A 149 -6.90 2.50 -1.06
N ASP A 150 -5.75 1.99 -0.59
CA ASP A 150 -4.91 2.64 0.43
C ASP A 150 -3.44 2.61 -0.02
N ILE A 151 -3.12 3.33 -1.10
CA ILE A 151 -1.73 3.51 -1.62
C ILE A 151 -1.10 4.72 -0.90
N LYS A 152 0.13 4.54 -0.41
CA LYS A 152 0.92 5.54 0.35
C LYS A 152 2.31 4.94 0.63
N SER A 153 3.27 5.74 1.10
CA SER A 153 4.64 5.31 1.47
C SER A 153 4.58 4.28 2.61
N ASP A 154 3.58 4.39 3.48
CA ASP A 154 3.37 3.53 4.68
C ASP A 154 3.10 2.09 4.24
N SER A 155 2.46 1.91 3.09
CA SER A 155 2.03 0.60 2.52
C SER A 155 3.15 -0.03 1.66
N ILE A 156 4.20 0.72 1.34
CA ILE A 156 5.33 0.29 0.46
C ILE A 156 6.52 -0.12 1.35
N LEU A 157 6.95 -1.37 1.22
CA LEU A 157 8.11 -1.96 1.97
C LEU A 157 9.22 -2.31 0.97
N LEU A 158 10.47 -2.34 1.46
CA LEU A 158 11.69 -2.57 0.64
C LEU A 158 12.49 -3.75 1.22
N THR A 159 13.30 -4.40 0.38
CA THR A 159 14.16 -5.56 0.74
C THR A 159 15.57 -5.05 1.08
N HIS A 160 16.50 -5.96 1.40
CA HIS A 160 17.95 -5.67 1.57
C HIS A 160 18.53 -5.12 0.27
N ASP A 161 18.07 -5.64 -0.88
CA ASP A 161 18.40 -5.15 -2.24
C ASP A 161 17.89 -3.71 -2.41
N GLY A 162 16.72 -3.42 -1.84
CA GLY A 162 15.96 -2.17 -2.05
C GLY A 162 14.82 -2.37 -3.03
N ARG A 163 14.55 -3.63 -3.41
CA ARG A 163 13.44 -4.02 -4.32
C ARG A 163 12.11 -3.67 -3.64
N VAL A 164 11.24 -2.96 -4.35
CA VAL A 164 9.94 -2.42 -3.83
C VAL A 164 8.93 -3.57 -3.70
N LYS A 165 8.14 -3.55 -2.63
CA LYS A 165 7.10 -4.58 -2.33
C LYS A 165 5.83 -3.88 -1.81
N LEU A 166 4.76 -3.86 -2.62
CA LEU A 166 3.44 -3.31 -2.24
C LEU A 166 2.82 -4.21 -1.16
N SER A 167 2.25 -3.62 -0.10
CA SER A 167 1.74 -4.34 1.10
C SER A 167 0.49 -3.66 1.66
N ASP A 168 -0.01 -4.15 2.80
CA ASP A 168 -1.18 -3.62 3.56
C ASP A 168 -2.42 -3.71 2.66
N PHE A 169 -2.68 -4.90 2.11
CA PHE A 169 -3.74 -5.15 1.10
C PHE A 169 -5.14 -5.13 1.74
N GLY A 170 -5.22 -5.06 3.08
CA GLY A 170 -6.49 -5.03 3.83
C GLY A 170 -7.51 -4.09 3.23
N PHE A 171 -7.07 -3.01 2.59
CA PHE A 171 -7.91 -1.95 1.98
C PHE A 171 -7.82 -2.01 0.45
N CYS A 172 -7.96 -3.21 -0.13
CA CYS A 172 -8.18 -3.41 -1.59
C CYS A 172 -9.61 -3.92 -1.80
N ALA A 173 -10.05 -3.98 -3.07
CA ALA A 173 -11.45 -4.31 -3.47
C ALA A 173 -11.48 -5.01 -4.82
N GLN A 174 -12.40 -5.96 -4.98
CA GLN A 174 -12.62 -6.78 -6.20
C GLN A 174 -13.78 -6.16 -7.02
N VAL A 175 -13.65 -6.15 -8.34
CA VAL A 175 -14.67 -5.63 -9.30
C VAL A 175 -14.87 -6.65 -10.42
N SER A 176 -16.10 -6.77 -10.91
CA SER A 176 -16.55 -7.75 -11.95
C SER A 176 -17.31 -7.03 -13.07
N LYS A 177 -17.78 -7.78 -14.07
CA LYS A 177 -18.65 -7.26 -15.16
C LYS A 177 -20.03 -6.93 -14.58
N GLU A 178 -20.46 -7.65 -13.54
CA GLU A 178 -21.74 -7.42 -12.82
C GLU A 178 -21.61 -6.15 -11.96
N VAL A 179 -20.60 -6.09 -11.09
CA VAL A 179 -20.30 -4.93 -10.20
C VAL A 179 -18.92 -4.38 -10.58
N PRO A 180 -18.84 -3.45 -11.55
CA PRO A 180 -17.55 -2.91 -12.01
C PRO A 180 -17.00 -1.73 -11.19
N ARG A 181 -17.83 -1.11 -10.35
CA ARG A 181 -17.44 0.05 -9.50
C ARG A 181 -18.03 -0.12 -8.09
N ARG A 182 -17.59 0.72 -7.16
CA ARG A 182 -17.95 0.68 -5.71
C ARG A 182 -18.19 2.10 -5.21
N LYS A 183 -18.89 2.24 -4.07
CA LYS A 183 -19.18 3.54 -3.41
C LYS A 183 -18.43 3.64 -2.07
N SER A 184 -18.37 2.54 -1.30
CA SER A 184 -17.67 2.39 -0.01
C SER A 184 -16.46 3.34 0.10
N LEU A 185 -16.36 4.13 1.18
CA LEU A 185 -15.26 5.10 1.44
C LEU A 185 -14.13 4.38 2.21
N VAL A 186 -13.00 4.14 1.55
CA VAL A 186 -11.83 3.39 2.09
C VAL A 186 -10.54 4.07 1.64
N GLY A 187 -9.55 4.16 2.54
CA GLY A 187 -8.21 4.71 2.26
C GLY A 187 -7.77 5.71 3.30
N THR A 188 -6.63 6.38 3.05
CA THR A 188 -6.04 7.44 3.91
C THR A 188 -6.48 8.80 3.39
N PRO A 189 -7.21 9.62 4.18
CA PRO A 189 -7.81 10.86 3.71
C PRO A 189 -7.02 11.67 2.67
N TYR A 190 -5.69 11.77 2.83
CA TYR A 190 -4.82 12.68 2.05
C TYR A 190 -4.51 12.09 0.68
N TRP A 191 -4.32 10.76 0.59
CA TRP A 191 -3.95 10.03 -0.64
C TRP A 191 -5.19 9.62 -1.44
N MET A 192 -6.39 10.07 -1.04
CA MET A 192 -7.68 9.70 -1.68
C MET A 192 -7.86 10.51 -2.97
N ALA A 193 -8.45 9.88 -3.99
CA ALA A 193 -8.92 10.53 -5.24
C ALA A 193 -10.23 11.25 -4.95
N PRO A 194 -10.54 12.37 -5.67
CA PRO A 194 -11.75 13.14 -5.40
C PRO A 194 -13.06 12.35 -5.56
N GLU A 195 -13.18 11.57 -6.64
CA GLU A 195 -14.41 10.78 -6.96
C GLU A 195 -14.74 9.86 -5.78
N LEU A 196 -13.73 9.36 -5.06
CA LEU A 196 -13.89 8.52 -3.84
C LEU A 196 -14.31 9.41 -2.66
N ILE A 197 -13.65 10.57 -2.51
CA ILE A 197 -13.93 11.58 -1.45
C ILE A 197 -15.39 12.04 -1.60
N SER A 198 -15.87 12.19 -2.83
CA SER A 198 -17.24 12.66 -3.18
C SER A 198 -18.28 11.54 -2.98
N ARG A 199 -17.85 10.30 -2.74
CA ARG A 199 -18.71 9.11 -2.48
C ARG A 199 -19.47 8.74 -3.76
N LEU A 200 -18.74 8.57 -4.87
CA LEU A 200 -19.31 8.25 -6.21
C LEU A 200 -18.84 6.87 -6.64
N PRO A 201 -19.40 6.31 -7.74
CA PRO A 201 -18.81 5.12 -8.38
C PRO A 201 -17.35 5.40 -8.77
N TYR A 202 -16.40 4.67 -8.18
CA TYR A 202 -14.95 4.79 -8.46
C TYR A 202 -14.40 3.46 -8.95
N GLY A 203 -13.69 3.49 -10.09
CA GLY A 203 -13.00 2.35 -10.70
C GLY A 203 -11.58 2.18 -10.16
N PRO A 204 -10.67 1.53 -10.91
CA PRO A 204 -9.31 1.29 -10.42
C PRO A 204 -8.34 2.47 -10.59
N GLU A 205 -8.81 3.62 -11.08
CA GLU A 205 -7.97 4.83 -11.33
C GLU A 205 -7.74 5.58 -10.02
N VAL A 206 -8.48 5.27 -8.96
CA VAL A 206 -8.29 5.86 -7.59
C VAL A 206 -6.84 5.65 -7.12
N ASP A 207 -6.23 4.51 -7.48
CA ASP A 207 -4.84 4.12 -7.11
C ASP A 207 -3.84 5.00 -7.86
N ILE A 208 -4.20 5.45 -9.07
CA ILE A 208 -3.31 6.26 -9.97
C ILE A 208 -3.19 7.67 -9.39
N TRP A 209 -4.27 8.22 -8.83
CA TRP A 209 -4.27 9.52 -8.09
C TRP A 209 -3.43 9.34 -6.82
N SER A 210 -3.72 8.30 -6.04
CA SER A 210 -3.06 7.97 -4.76
C SER A 210 -1.54 7.85 -4.96
N LEU A 211 -1.11 7.18 -6.04
CA LEU A 211 0.32 7.08 -6.47
C LEU A 211 0.87 8.48 -6.76
N GLY A 212 0.04 9.35 -7.34
CA GLY A 212 0.35 10.77 -7.58
C GLY A 212 0.61 11.52 -6.28
N ILE A 213 -0.20 11.27 -5.26
CA ILE A 213 -0.09 11.91 -3.91
C ILE A 213 1.19 11.41 -3.24
N MET A 214 1.57 10.15 -3.48
CA MET A 214 2.81 9.53 -2.93
C MET A 214 4.04 10.19 -3.57
N VAL A 215 3.95 10.62 -4.84
CA VAL A 215 5.04 11.33 -5.56
C VAL A 215 5.25 12.70 -4.91
N ILE A 216 4.16 13.36 -4.46
CA ILE A 216 4.23 14.65 -3.69
C ILE A 216 4.89 14.35 -2.33
N GLU A 217 4.48 13.25 -1.70
CA GLU A 217 5.04 12.76 -0.41
C GLU A 217 6.53 12.48 -0.60
N MET A 218 6.92 11.82 -1.71
CA MET A 218 8.34 11.45 -2.02
C MET A 218 9.18 12.72 -2.17
N VAL A 219 8.66 13.72 -2.89
CA VAL A 219 9.35 15.03 -3.14
C VAL A 219 9.28 15.88 -1.86
N ASP A 220 8.08 16.29 -1.47
CA ASP A 220 7.84 17.29 -0.40
C ASP A 220 7.93 16.65 1.00
N GLY A 221 8.15 15.33 1.09
CA GLY A 221 8.33 14.62 2.36
C GLY A 221 7.01 14.20 2.98
N GLU A 222 6.06 15.13 3.08
CA GLU A 222 4.67 14.90 3.57
C GLU A 222 3.71 15.15 2.41
N PRO A 223 2.45 14.63 2.47
CA PRO A 223 1.50 14.80 1.38
C PRO A 223 0.81 16.16 1.43
N PRO A 224 -0.07 16.49 0.46
CA PRO A 224 -0.75 17.79 0.42
C PRO A 224 -1.79 17.99 1.53
N TYR A 225 -1.81 19.20 2.11
CA TYR A 225 -2.75 19.64 3.16
C TYR A 225 -2.61 18.77 4.42
N PHE A 226 -1.46 18.13 4.62
CA PHE A 226 -1.25 17.11 5.70
C PHE A 226 -1.40 17.77 7.08
N ASN A 227 -0.84 18.98 7.24
CA ASN A 227 -0.87 19.75 8.51
C ASN A 227 -2.32 20.06 8.90
N GLU A 228 -3.22 20.17 7.91
CA GLU A 228 -4.67 20.47 8.12
C GLU A 228 -5.33 19.28 8.82
N PRO A 229 -6.54 19.47 9.39
CA PRO A 229 -7.35 18.35 9.88
C PRO A 229 -7.75 17.41 8.75
N PRO A 230 -8.24 16.18 9.05
CA PRO A 230 -8.47 15.17 8.02
C PRO A 230 -9.69 15.44 7.14
N LEU A 231 -10.77 15.97 7.71
CA LEU A 231 -12.07 16.19 7.02
C LEU A 231 -11.92 17.37 6.05
N LYS A 232 -11.23 18.44 6.47
CA LYS A 232 -11.03 19.68 5.67
C LYS A 232 -10.03 19.42 4.54
N ALA A 233 -9.02 18.57 4.77
CA ALA A 233 -8.02 18.15 3.77
C ALA A 233 -8.72 17.53 2.56
N MET A 234 -9.74 16.70 2.81
CA MET A 234 -10.53 15.98 1.77
C MET A 234 -11.39 16.98 0.98
N LYS A 235 -12.11 17.87 1.69
CA LYS A 235 -12.93 18.95 1.07
C LYS A 235 -12.07 19.73 0.08
N MET A 236 -10.82 20.03 0.44
CA MET A 236 -9.87 20.82 -0.39
C MET A 236 -9.46 20.02 -1.63
N ILE A 237 -9.22 18.70 -1.48
CA ILE A 237 -8.86 17.81 -2.61
C ILE A 237 -10.07 17.67 -3.56
N ARG A 238 -11.28 17.69 -3.00
CA ARG A 238 -12.55 17.47 -3.74
C ARG A 238 -12.99 18.74 -4.48
N ASP A 239 -12.92 19.89 -3.80
CA ASP A 239 -13.43 21.19 -4.30
C ASP A 239 -12.38 21.86 -5.18
N ASN A 240 -11.16 22.04 -4.64
CA ASN A 240 -10.09 22.89 -5.23
C ASN A 240 -9.35 22.12 -6.33
N LEU A 241 -8.37 22.79 -6.97
CA LEU A 241 -7.63 22.30 -8.16
C LEU A 241 -6.77 21.09 -7.77
N PRO A 242 -6.21 20.35 -8.76
CA PRO A 242 -5.25 19.28 -8.46
C PRO A 242 -4.06 19.86 -7.70
N PRO A 243 -3.65 19.24 -6.56
CA PRO A 243 -2.56 19.78 -5.74
C PRO A 243 -1.22 19.76 -6.49
N ARG A 244 -0.32 20.71 -6.17
CA ARG A 244 0.97 20.94 -6.85
C ARG A 244 2.13 20.79 -5.86
N LEU A 245 3.36 20.74 -6.39
CA LEU A 245 4.62 20.60 -5.62
C LEU A 245 5.12 22.00 -5.21
N LYS A 246 5.79 22.08 -4.06
CA LYS A 246 6.50 23.30 -3.58
C LYS A 246 7.81 23.43 -4.35
N ASN A 247 8.49 22.30 -4.58
CA ASN A 247 9.76 22.20 -5.33
C ASN A 247 9.46 21.92 -6.80
N LEU A 248 8.64 22.77 -7.43
CA LEU A 248 8.22 22.64 -8.85
C LEU A 248 9.35 23.15 -9.77
N HIS A 249 10.39 23.74 -9.18
CA HIS A 249 11.57 24.32 -9.88
C HIS A 249 12.68 23.27 -10.03
N LYS A 250 12.84 22.40 -9.01
CA LYS A 250 13.90 21.37 -8.95
C LYS A 250 13.56 20.19 -9.87
N VAL A 251 12.27 19.86 -10.03
CA VAL A 251 11.79 18.69 -10.83
C VAL A 251 12.08 18.91 -12.32
N SER A 252 12.31 17.81 -13.04
CA SER A 252 12.60 17.79 -14.50
C SER A 252 11.32 18.02 -15.29
N PRO A 253 11.40 18.37 -16.60
CA PRO A 253 10.21 18.49 -17.44
C PRO A 253 9.42 17.16 -17.52
N SER A 254 10.12 16.03 -17.48
CA SER A 254 9.54 14.66 -17.59
C SER A 254 8.63 14.38 -16.39
N LEU A 255 9.16 14.56 -15.17
CA LEU A 255 8.48 14.22 -13.89
C LEU A 255 7.14 14.98 -13.80
N LYS A 256 7.19 16.31 -13.92
CA LYS A 256 5.98 17.18 -13.90
C LYS A 256 4.95 16.59 -14.88
N GLY A 257 5.37 16.32 -16.12
CA GLY A 257 4.53 15.74 -17.19
C GLY A 257 3.94 14.39 -16.82
N PHE A 258 4.71 13.56 -16.11
CA PHE A 258 4.29 12.25 -15.56
C PHE A 258 3.17 12.47 -14.53
N LEU A 259 3.47 13.28 -13.51
CA LEU A 259 2.60 13.53 -12.32
C LEU A 259 1.28 14.19 -12.77
N ASP A 260 1.29 14.92 -13.88
CA ASP A 260 0.11 15.59 -14.48
C ASP A 260 -0.92 14.55 -14.93
N ARG A 261 -0.45 13.37 -15.36
CA ARG A 261 -1.32 12.25 -15.83
C ARG A 261 -1.84 11.44 -14.65
N LEU A 262 -1.15 11.49 -13.50
CA LEU A 262 -1.56 10.82 -12.23
C LEU A 262 -2.63 11.67 -11.54
N LEU A 263 -2.35 12.97 -11.34
CA LEU A 263 -3.25 13.92 -10.64
C LEU A 263 -4.17 14.60 -11.66
N VAL A 264 -5.08 13.82 -12.26
CA VAL A 264 -6.22 14.30 -13.09
C VAL A 264 -7.51 14.10 -12.28
N ARG A 265 -8.29 15.16 -12.09
CA ARG A 265 -9.52 15.15 -11.26
C ARG A 265 -10.56 14.21 -11.87
N ASP A 266 -10.80 14.33 -13.18
CA ASP A 266 -11.78 13.50 -13.94
C ASP A 266 -11.18 12.10 -14.13
N PRO A 267 -11.75 11.05 -13.49
CA PRO A 267 -11.19 9.69 -13.58
C PRO A 267 -11.07 9.17 -15.02
N ALA A 268 -12.04 9.54 -15.89
CA ALA A 268 -12.11 9.15 -17.32
C ALA A 268 -10.86 9.68 -18.06
N GLN A 269 -10.35 10.84 -17.63
CA GLN A 269 -9.17 11.52 -18.23
C GLN A 269 -7.89 11.03 -17.56
N ARG A 270 -7.96 10.64 -16.28
CA ARG A 270 -6.80 10.12 -15.51
C ARG A 270 -6.27 8.86 -16.18
N ALA A 271 -4.94 8.77 -16.36
CA ALA A 271 -4.23 7.66 -17.04
C ALA A 271 -4.50 6.34 -16.29
N THR A 272 -4.36 5.22 -17.01
CA THR A 272 -4.46 3.84 -16.45
C THR A 272 -3.08 3.39 -16.00
N ALA A 273 -2.99 2.17 -15.46
CA ALA A 273 -1.73 1.51 -15.04
C ALA A 273 -0.87 1.26 -16.29
N ALA A 274 -1.41 0.51 -17.25
CA ALA A 274 -0.73 0.08 -18.50
C ALA A 274 -0.15 1.29 -19.24
N GLU A 275 -0.97 2.33 -19.44
CA GLU A 275 -0.58 3.60 -20.10
C GLU A 275 0.75 4.09 -19.54
N LEU A 276 0.81 4.28 -18.22
CA LEU A 276 1.91 4.98 -17.50
C LEU A 276 3.23 4.22 -17.68
N LEU A 277 3.21 2.89 -17.77
CA LEU A 277 4.41 2.03 -17.92
C LEU A 277 5.24 2.51 -19.12
N LYS A 278 4.59 3.03 -20.16
CA LYS A 278 5.23 3.46 -21.44
C LYS A 278 5.81 4.87 -21.31
N HIS A 279 5.29 5.69 -20.38
CA HIS A 279 5.73 7.10 -20.14
C HIS A 279 7.25 7.15 -20.05
N PRO A 280 7.92 8.16 -20.67
CA PRO A 280 9.39 8.22 -20.69
C PRO A 280 10.07 8.29 -19.32
N PHE A 281 9.47 9.02 -18.37
CA PHE A 281 10.02 9.34 -17.01
C PHE A 281 10.61 8.09 -16.35
N LEU A 282 9.94 6.93 -16.49
CA LEU A 282 10.30 5.66 -15.81
C LEU A 282 11.59 5.08 -16.40
N ALA A 283 12.15 5.69 -17.45
CA ALA A 283 13.50 5.38 -17.99
C ALA A 283 14.59 5.83 -17.01
N LYS A 284 14.32 6.89 -16.23
CA LYS A 284 15.22 7.45 -15.19
C LYS A 284 15.41 6.43 -14.06
N ALA A 285 14.42 5.56 -13.82
CA ALA A 285 14.38 4.53 -12.76
C ALA A 285 15.77 3.89 -12.59
N GLY A 286 16.41 4.12 -11.44
CA GLY A 286 17.74 3.57 -11.09
C GLY A 286 17.62 2.18 -10.46
N PRO A 287 18.74 1.41 -10.38
CA PRO A 287 18.68 0.04 -9.85
C PRO A 287 18.21 0.05 -8.41
N PRO A 288 17.45 -0.99 -7.97
CA PRO A 288 17.03 -1.09 -6.56
C PRO A 288 18.15 -0.86 -5.54
N ALA A 289 19.40 -1.16 -5.92
CA ALA A 289 20.62 -1.01 -5.08
C ALA A 289 20.90 0.46 -4.76
N SER A 290 20.41 1.40 -5.58
CA SER A 290 20.62 2.87 -5.42
C SER A 290 19.75 3.43 -4.29
N ILE A 291 18.80 2.63 -3.76
CA ILE A 291 17.91 3.02 -2.62
C ILE A 291 18.60 2.66 -1.30
N VAL A 292 19.55 1.72 -1.34
CA VAL A 292 20.17 1.07 -0.14
C VAL A 292 20.83 2.11 0.76
N PRO A 293 21.57 3.11 0.23
CA PRO A 293 22.19 4.14 1.08
C PRO A 293 21.19 4.97 1.90
N LEU A 294 19.99 5.20 1.37
CA LEU A 294 18.95 6.08 1.98
C LEU A 294 18.17 5.33 3.07
N MET A 295 18.48 4.05 3.32
CA MET A 295 17.79 3.21 4.32
C MET A 295 18.41 3.46 5.71
N ARG A 296 17.57 3.75 6.71
CA ARG A 296 17.97 4.08 8.11
C ARG A 296 19.17 3.24 8.55
N GLN A 297 19.06 1.92 8.42
CA GLN A 297 20.13 0.94 8.77
C GLN A 297 21.50 1.49 8.38
N ASN A 298 21.64 2.10 7.20
CA ASN A 298 22.91 2.62 6.64
C ASN A 298 23.04 4.13 6.86
N ARG A 299 21.98 4.79 7.34
CA ARG A 299 21.97 6.25 7.62
C ARG A 299 22.72 6.50 8.94
N THR A 300 23.64 7.47 8.95
CA THR A 300 24.50 7.84 10.11
C THR A 300 23.79 8.89 10.97
N ARG A 301 22.99 9.76 10.35
CA ARG A 301 22.30 10.93 10.99
C ARG A 301 23.33 12.02 11.27
#